data_9PMG
#
_entry.id   9PMG
#
_cell.length_a   133.133
_cell.length_b   133.133
_cell.length_c   62.784
_cell.angle_alpha   90.000
_cell.angle_beta   90.000
_cell.angle_gamma   120.000
#
_symmetry.space_group_name_H-M   'P 63'
#
loop_
_entity.id
_entity.type
_entity.pdbx_description
1 polymer "DNA (5'-D(*GP*GP*AP*TP*GP*CP*CP*TP*GP*TP*AP*CP*GP*GP*AP*CP*AP*GP*AP*TP*CP*T)-3')"
2 polymer "DNA (5'-D(*CP*CP*GP*TP*AP*CP*A)-3')"
3 polymer "DNA (5'-D(P*GP*GP*CP*AP*TP*CP*C)-3')"
4 polymer "DNA (5'-D(*AP*GP*AP*TP*CP*TP*GP*T)-3')"
#
loop_
_entity_poly.entity_id
_entity_poly.type
_entity_poly.pdbx_seq_one_letter_code
_entity_poly.pdbx_strand_id
1 'polydeoxyribonucleotide'
;(DG)(DG)(DA)(DT)(DG)(DC)(DC)(DT)(DG)(DT)(DA)(DC)(DG)(DG)(DA)(DC)(DA)(DG)(DA)(DT)
(DC)(DT)
;
A
2 'polydeoxyribonucleotide' (DC)(DC)(DG)(DT)(DA)(DC)(DA) B
3 'polydeoxyribonucleotide' (DG)(DG)(DC)(DA)(DT)(DC)(DC) C
4 'polydeoxyribonucleotide' (DA)(DG)(DA)(DT)(DC)(DT)(DG)(DT) D
#
loop_
_chem_comp.id
_chem_comp.type
_chem_comp.name
_chem_comp.formula
DA DNA linking 2'-DEOXYADENOSINE-5'-MONOPHOSPHATE 'C10 H14 N5 O6 P'
DC DNA linking 2'-DEOXYCYTIDINE-5'-MONOPHOSPHATE 'C9 H14 N3 O7 P'
DG DNA linking 2'-DEOXYGUANOSINE-5'-MONOPHOSPHATE 'C10 H14 N5 O7 P'
DT DNA linking THYMIDINE-5'-MONOPHOSPHATE 'C10 H15 N2 O8 P'
#